data_1SSV
#
_entry.id   1SSV
#
_entity_poly.entity_id   1
_entity_poly.type   'polydeoxyribonucleotide'
_entity_poly.pdbx_seq_one_letter_code
;(DC)(DG)(DA)(DG)(DG)(DT)(DT)(DT)(DA)(DA)(DA)(DC)(DC)(DT)(DC)(DG)
;
_entity_poly.pdbx_strand_id   A,B
#